data_4O9R
#
_entry.id   4O9R
#
_cell.length_a   40.500
_cell.length_b   157.300
_cell.length_c   52.400
_cell.angle_alpha   90.00
_cell.angle_beta   97.00
_cell.angle_gamma   90.00
#
_symmetry.space_group_name_H-M   'P 1 21 1'
#
loop_
_entity.id
_entity.type
_entity.pdbx_description
1 polymer 'Smoothened homolog/Soluble cytochrome b562 chimeric protein'
2 non-polymer Cyclopamine
#
_entity_poly.entity_id   1
_entity_poly.type   'polypeptide(L)'
_entity_poly.pdbx_seq_one_letter_code
;GGTSGQCEVPLVRTDNPKSWYEDVEGCGIQCQNPLFTEAEHQDMHSYIAAFGAVTGLCTLFTLATFVADWRNSNRYPAVI
LFYVNACFFVGSIGWLAQFMDGARREIVCRADGTMRLGEPTSNETLSCVIIFVIVYYALMAGVVWFVVLTYAWHTSFKAL
GTTYQPLSGKTSYFHLLTWSLPFVLTVAILAVAQVDGDSVSGICFVGYKNYRYRAGFVLAPIGLVLIVGGYFLIRGVMTL
FSIKSNHADLEDNWETLNDNLKVIEKADNAAQVKDALTKMRAAALDAQKATPPKLEDKSPDSPEMKDFRHGFDILVGQID
DALKLANEGKVKEAQAAAEQLKTTRNAYIQKYLAASKINETMLRLGIFGFLAFGFVLITFSCHFYDFFNQAEWERSFRDY
VLCQANVTIGLPTKQPIPDCEIKNRPSLLVEKINLFAMFGTGIAMSTWVWTKATLLIWRRTWCRLTGQ
;
_entity_poly.pdbx_strand_id   A
#
# COMPACT_ATOMS: atom_id res chain seq x y z
N GLN A 6 -10.68 30.75 40.32
CA GLN A 6 -10.33 29.45 40.89
C GLN A 6 -9.33 28.72 40.00
N CYS A 7 -9.61 28.70 38.70
CA CYS A 7 -8.84 27.92 37.75
C CYS A 7 -7.50 28.56 37.40
N GLU A 8 -6.71 27.85 36.60
CA GLU A 8 -5.38 28.29 36.22
C GLU A 8 -4.90 27.47 35.03
N VAL A 9 -4.23 28.13 34.09
CA VAL A 9 -3.76 27.48 32.86
C VAL A 9 -2.99 26.19 33.19
N PRO A 10 -3.25 25.11 32.43
CA PRO A 10 -4.13 24.95 31.27
C PRO A 10 -5.62 24.77 31.61
N LEU A 11 -5.98 24.73 32.88
CA LEU A 11 -7.38 24.60 33.27
C LEU A 11 -8.12 25.92 33.09
N VAL A 12 -9.33 25.85 32.56
CA VAL A 12 -10.16 27.02 32.31
C VAL A 12 -11.50 26.91 33.04
N ARG A 13 -12.06 28.06 33.42
CA ARG A 13 -13.32 28.08 34.17
C ARG A 13 -14.48 27.55 33.34
N THR A 14 -15.28 26.67 33.94
CA THR A 14 -16.50 26.16 33.32
C THR A 14 -17.53 25.82 34.37
N ASP A 15 -18.74 26.34 34.20
CA ASP A 15 -19.83 26.07 35.12
C ASP A 15 -20.37 24.67 34.88
N ASN A 16 -20.28 24.23 33.62
CA ASN A 16 -20.76 22.92 33.21
C ASN A 16 -20.11 21.80 34.01
N PRO A 17 -20.90 21.06 34.81
CA PRO A 17 -20.33 19.95 35.59
C PRO A 17 -19.70 18.87 34.72
N LYS A 18 -20.21 18.71 33.51
CA LYS A 18 -19.77 17.65 32.60
C LYS A 18 -18.34 17.86 32.10
N SER A 19 -17.85 19.10 32.20
CA SER A 19 -16.56 19.46 31.62
C SER A 19 -15.45 19.57 32.66
N TRP A 20 -15.79 19.38 33.93
CA TRP A 20 -14.80 19.51 35.01
C TRP A 20 -13.66 18.50 34.85
N TYR A 21 -12.43 18.96 35.00
CA TYR A 21 -11.25 18.14 34.81
C TYR A 21 -10.97 17.26 36.03
N GLU A 22 -10.96 15.95 35.81
CA GLU A 22 -10.73 14.97 36.86
C GLU A 22 -11.70 15.17 38.03
N ASP A 23 -11.25 15.88 39.07
CA ASP A 23 -12.10 16.16 40.23
C ASP A 23 -11.91 17.60 40.71
N VAL A 24 -11.44 18.46 39.81
CA VAL A 24 -11.27 19.88 40.12
C VAL A 24 -12.59 20.61 39.94
N GLU A 25 -12.92 21.51 40.85
CA GLU A 25 -14.18 22.24 40.81
C GLU A 25 -14.18 23.33 39.75
N GLY A 26 -15.21 23.34 38.91
CA GLY A 26 -15.42 24.41 37.95
C GLY A 26 -14.30 24.63 36.96
N CYS A 27 -13.40 23.65 36.84
CA CYS A 27 -12.24 23.78 35.97
C CYS A 27 -12.14 22.64 34.97
N GLY A 28 -12.32 22.97 33.70
CA GLY A 28 -12.16 22.02 32.61
C GLY A 28 -10.88 22.32 31.85
N ILE A 29 -10.45 21.38 31.01
CA ILE A 29 -9.22 21.57 30.23
C ILE A 29 -9.50 22.46 29.01
N GLN A 30 -8.62 23.42 28.77
CA GLN A 30 -8.79 24.38 27.68
C GLN A 30 -8.88 23.68 26.33
N CYS A 31 -9.52 24.32 25.36
CA CYS A 31 -9.76 23.70 24.06
C CYS A 31 -8.49 23.56 23.25
N GLN A 32 -7.79 24.67 23.06
CA GLN A 32 -6.54 24.65 22.31
C GLN A 32 -5.53 23.76 23.04
N ASN A 33 -4.89 22.88 22.28
CA ASN A 33 -3.94 21.92 22.83
C ASN A 33 -2.92 22.61 23.73
N PRO A 34 -2.86 22.23 25.03
CA PRO A 34 -1.90 22.87 25.93
C PRO A 34 -0.45 22.42 25.69
N LEU A 35 -0.28 21.39 24.88
CA LEU A 35 1.04 20.80 24.66
C LEU A 35 1.80 21.46 23.51
N PHE A 36 1.20 22.47 22.87
CA PHE A 36 1.80 23.13 21.72
C PHE A 36 1.54 24.62 21.72
N THR A 37 2.53 25.39 21.27
CA THR A 37 2.41 26.84 21.20
C THR A 37 1.60 27.25 19.99
N GLU A 38 1.04 28.46 20.03
CA GLU A 38 0.24 28.98 18.93
C GLU A 38 1.06 29.01 17.63
N ALA A 39 2.37 29.15 17.76
CA ALA A 39 3.26 29.12 16.61
C ALA A 39 3.22 27.75 15.95
N GLU A 40 3.25 26.71 16.79
CA GLU A 40 3.23 25.33 16.30
C GLU A 40 1.87 24.98 15.70
N HIS A 41 0.82 25.64 16.19
CA HIS A 41 -0.51 25.47 15.63
C HIS A 41 -0.54 26.00 14.19
N GLN A 42 -0.24 27.29 14.05
CA GLN A 42 -0.38 27.99 12.77
C GLN A 42 0.63 27.50 11.74
N ASP A 43 1.70 26.86 12.19
CA ASP A 43 2.64 26.21 11.29
C ASP A 43 2.06 24.89 10.82
N MET A 44 1.49 24.14 11.76
CA MET A 44 0.91 22.84 11.46
C MET A 44 -0.35 22.97 10.61
N HIS A 45 -1.09 24.06 10.82
CA HIS A 45 -2.27 24.34 10.00
C HIS A 45 -1.84 24.61 8.57
N SER A 46 -0.80 25.41 8.41
CA SER A 46 -0.27 25.74 7.09
C SER A 46 0.19 24.49 6.37
N TYR A 47 0.71 23.54 7.14
CA TYR A 47 1.15 22.27 6.59
C TYR A 47 -0.02 21.54 5.95
N ILE A 48 -1.07 21.32 6.74
CA ILE A 48 -2.24 20.58 6.28
C ILE A 48 -2.93 21.30 5.14
N ALA A 49 -2.93 22.62 5.18
CA ALA A 49 -3.54 23.44 4.14
C ALA A 49 -2.89 23.16 2.79
N ALA A 50 -1.58 22.93 2.80
CA ALA A 50 -0.85 22.61 1.58
C ALA A 50 -1.23 21.23 1.07
N PHE A 51 -0.75 20.20 1.77
CA PHE A 51 -1.00 18.81 1.38
C PHE A 51 -2.49 18.49 1.30
N GLY A 52 -3.28 19.09 2.21
CA GLY A 52 -4.72 18.88 2.19
C GLY A 52 -5.33 19.38 0.90
N ALA A 53 -4.88 20.55 0.45
CA ALA A 53 -5.42 21.15 -0.76
C ALA A 53 -4.88 20.47 -2.02
N VAL A 54 -3.58 20.21 -2.05
CA VAL A 54 -2.95 19.56 -3.18
C VAL A 54 -3.62 18.21 -3.49
N THR A 55 -3.69 17.35 -2.49
CA THR A 55 -4.29 16.03 -2.65
C THR A 55 -5.76 16.13 -3.05
N GLY A 56 -6.49 17.04 -2.40
CA GLY A 56 -7.89 17.24 -2.70
C GLY A 56 -8.15 17.55 -4.16
N LEU A 57 -7.25 18.31 -4.77
CA LEU A 57 -7.37 18.67 -6.17
C LEU A 57 -6.93 17.53 -7.08
N CYS A 58 -5.78 16.93 -6.74
CA CYS A 58 -5.24 15.83 -7.52
C CYS A 58 -6.21 14.68 -7.66
N THR A 59 -6.85 14.31 -6.55
CA THR A 59 -7.80 13.20 -6.54
C THR A 59 -9.03 13.53 -7.38
N LEU A 60 -9.61 14.71 -7.15
CA LEU A 60 -10.81 15.12 -7.86
C LEU A 60 -10.57 15.17 -9.36
N PHE A 61 -9.33 15.47 -9.75
CA PHE A 61 -8.94 15.44 -11.15
C PHE A 61 -9.09 14.04 -11.70
N THR A 62 -8.68 13.05 -10.89
CA THR A 62 -8.74 11.66 -11.30
C THR A 62 -10.17 11.14 -11.27
N LEU A 63 -10.93 11.56 -10.27
CA LEU A 63 -12.35 11.25 -10.21
C LEU A 63 -13.06 11.80 -11.45
N ALA A 64 -12.78 13.07 -11.76
CA ALA A 64 -13.40 13.75 -12.88
C ALA A 64 -12.98 13.14 -14.22
N THR A 65 -11.80 12.52 -14.25
CA THR A 65 -11.32 11.86 -15.45
C THR A 65 -11.92 10.47 -15.59
N PHE A 66 -12.03 9.75 -14.48
CA PHE A 66 -12.55 8.39 -14.51
C PHE A 66 -14.02 8.38 -14.92
N VAL A 67 -14.74 9.47 -14.67
CA VAL A 67 -16.14 9.57 -15.07
C VAL A 67 -16.26 10.11 -16.50
N ALA A 68 -15.20 10.71 -17.01
CA ALA A 68 -15.18 11.21 -18.37
C ALA A 68 -15.05 10.08 -19.38
N ASP A 69 -14.88 8.85 -18.88
CA ASP A 69 -14.85 7.66 -19.71
C ASP A 69 -15.36 6.48 -18.87
N TRP A 70 -16.39 6.74 -18.09
CA TRP A 70 -16.92 5.76 -17.14
C TRP A 70 -17.31 4.45 -17.80
N ARG A 71 -17.65 4.51 -19.08
CA ARG A 71 -17.96 3.31 -19.85
C ARG A 71 -16.77 2.37 -19.86
N ASN A 72 -15.61 2.90 -20.24
CA ASN A 72 -14.38 2.13 -20.31
C ASN A 72 -13.45 2.48 -19.14
N SER A 73 -14.06 2.80 -18.00
CA SER A 73 -13.30 3.13 -16.79
C SER A 73 -13.98 2.56 -15.54
N ASN A 74 -14.87 1.60 -15.74
CA ASN A 74 -15.53 0.89 -14.65
C ASN A 74 -15.13 -0.59 -14.65
N ARG A 75 -14.45 -1.01 -15.70
CA ARG A 75 -13.97 -2.38 -15.80
C ARG A 75 -12.75 -2.57 -14.91
N TYR A 76 -12.69 -3.71 -14.23
CA TYR A 76 -11.55 -4.04 -13.38
C TYR A 76 -10.29 -4.26 -14.23
N PRO A 77 -9.10 -4.10 -13.63
CA PRO A 77 -8.86 -3.69 -12.23
C PRO A 77 -8.77 -2.17 -12.06
N ALA A 78 -8.98 -1.42 -13.14
CA ALA A 78 -8.80 0.02 -13.12
C ALA A 78 -9.83 0.73 -12.24
N VAL A 79 -11.01 0.12 -12.10
CA VAL A 79 -12.09 0.72 -11.33
C VAL A 79 -11.71 0.88 -9.86
N ILE A 80 -10.78 0.04 -9.39
CA ILE A 80 -10.32 0.10 -8.01
C ILE A 80 -9.68 1.44 -7.70
N LEU A 81 -8.78 1.88 -8.57
CA LEU A 81 -8.06 3.13 -8.37
C LEU A 81 -8.99 4.33 -8.30
N PHE A 82 -10.19 4.19 -8.88
CA PHE A 82 -11.19 5.25 -8.78
C PHE A 82 -11.79 5.30 -7.38
N TYR A 83 -12.07 4.14 -6.81
CA TYR A 83 -12.62 4.06 -5.46
C TYR A 83 -11.55 4.33 -4.42
N VAL A 84 -10.30 4.00 -4.75
CA VAL A 84 -9.17 4.38 -3.93
C VAL A 84 -9.02 5.90 -3.94
N ASN A 85 -9.16 6.49 -5.12
CA ASN A 85 -9.15 7.94 -5.25
C ASN A 85 -10.39 8.56 -4.63
N ALA A 86 -11.52 7.85 -4.71
CA ALA A 86 -12.77 8.34 -4.16
C ALA A 86 -12.65 8.58 -2.66
N CYS A 87 -12.15 7.57 -1.95
CA CYS A 87 -11.96 7.67 -0.51
C CYS A 87 -11.04 8.84 -0.13
N PHE A 88 -9.98 9.03 -0.92
CA PHE A 88 -9.00 10.07 -0.62
C PHE A 88 -9.62 11.46 -0.71
N PHE A 89 -10.49 11.68 -1.69
CA PHE A 89 -11.13 12.98 -1.85
C PHE A 89 -12.06 13.27 -0.68
N VAL A 90 -12.66 12.23 -0.13
CA VAL A 90 -13.52 12.37 1.05
C VAL A 90 -12.68 12.71 2.27
N GLY A 91 -11.53 12.05 2.38
CA GLY A 91 -10.63 12.29 3.50
C GLY A 91 -10.08 13.71 3.52
N SER A 92 -9.70 14.21 2.33
CA SER A 92 -9.16 15.54 2.20
C SER A 92 -10.15 16.60 2.67
N ILE A 93 -11.43 16.36 2.39
CA ILE A 93 -12.49 17.27 2.79
C ILE A 93 -12.51 17.50 4.30
N GLY A 94 -12.48 16.41 5.07
CA GLY A 94 -12.51 16.49 6.51
C GLY A 94 -11.36 17.31 7.07
N TRP A 95 -10.16 17.08 6.55
CA TRP A 95 -8.98 17.79 7.03
C TRP A 95 -9.04 19.27 6.69
N LEU A 96 -9.56 19.57 5.50
CA LEU A 96 -9.67 20.95 5.04
C LEU A 96 -10.81 21.71 5.70
N ALA A 97 -11.66 20.98 6.43
CA ALA A 97 -12.82 21.59 7.07
C ALA A 97 -12.43 22.62 8.12
N GLN A 98 -11.28 22.43 8.75
CA GLN A 98 -10.85 23.29 9.85
C GLN A 98 -10.60 24.73 9.41
N PHE A 99 -10.12 24.90 8.19
CA PHE A 99 -9.66 26.20 7.71
C PHE A 99 -10.79 27.17 7.44
N MET A 100 -12.03 26.69 7.46
CA MET A 100 -13.18 27.57 7.39
C MET A 100 -13.18 28.46 8.63
N ASP A 101 -13.35 29.76 8.42
CA ASP A 101 -13.22 30.73 9.51
C ASP A 101 -14.09 30.39 10.71
N GLY A 102 -13.45 29.99 11.80
CA GLY A 102 -14.13 29.69 13.05
C GLY A 102 -14.57 28.25 13.19
N ALA A 103 -14.20 27.42 12.22
CA ALA A 103 -14.60 26.01 12.22
C ALA A 103 -13.70 25.17 13.12
N ARG A 104 -12.40 25.47 13.10
CA ARG A 104 -11.42 24.71 13.87
C ARG A 104 -11.79 24.69 15.35
N ARG A 105 -12.38 25.78 15.83
CA ARG A 105 -12.82 25.88 17.21
C ARG A 105 -14.16 25.20 17.40
N GLU A 106 -14.97 25.17 16.34
CA GLU A 106 -16.28 24.53 16.39
C GLU A 106 -16.16 23.02 16.41
N ILE A 107 -15.12 22.50 15.74
CA ILE A 107 -14.92 21.07 15.64
C ILE A 107 -14.35 20.49 16.94
N VAL A 108 -13.51 21.25 17.60
CA VAL A 108 -12.71 20.74 18.73
C VAL A 108 -13.21 21.19 20.10
N CYS A 109 -13.78 22.40 20.18
CA CYS A 109 -14.18 22.96 21.46
C CYS A 109 -15.63 22.65 21.81
N ARG A 110 -15.89 22.41 23.09
CA ARG A 110 -17.25 22.28 23.60
C ARG A 110 -17.88 23.66 23.73
N ALA A 111 -19.09 23.71 24.28
CA ALA A 111 -19.78 24.98 24.46
C ALA A 111 -19.04 25.88 25.45
N ASP A 112 -18.50 25.26 26.51
CA ASP A 112 -17.86 26.01 27.59
C ASP A 112 -16.35 26.14 27.40
N GLY A 113 -15.90 26.16 26.15
CA GLY A 113 -14.52 26.45 25.84
C GLY A 113 -13.52 25.41 26.33
N THR A 114 -13.94 24.15 26.32
CA THR A 114 -13.05 23.04 26.66
C THR A 114 -12.97 22.06 25.50
N MET A 115 -11.81 21.42 25.32
CA MET A 115 -11.61 20.55 24.17
C MET A 115 -12.57 19.37 24.23
N ARG A 116 -13.18 19.05 23.09
CA ARG A 116 -14.19 18.02 23.01
C ARG A 116 -13.63 16.66 23.43
N LEU A 117 -14.38 15.97 24.28
CA LEU A 117 -13.98 14.65 24.76
C LEU A 117 -15.23 13.80 24.99
N GLY A 118 -15.07 12.48 24.91
CA GLY A 118 -16.16 11.56 25.14
C GLY A 118 -17.31 11.77 24.17
N GLU A 119 -17.05 12.49 23.08
CA GLU A 119 -18.06 12.73 22.05
C GLU A 119 -18.47 11.40 21.40
N PRO A 120 -19.75 11.23 21.06
CA PRO A 120 -20.88 12.16 21.17
C PRO A 120 -21.35 12.36 22.62
N THR A 121 -21.63 13.61 22.98
CA THR A 121 -22.18 13.94 24.29
C THR A 121 -23.41 14.82 24.14
N SER A 122 -24.16 14.96 25.22
CA SER A 122 -25.37 15.77 25.21
C SER A 122 -25.03 17.26 25.20
N ASN A 123 -25.90 18.05 24.59
CA ASN A 123 -25.77 19.50 24.58
C ASN A 123 -24.45 19.97 23.97
N GLU A 124 -23.97 19.23 22.99
CA GLU A 124 -22.78 19.60 22.25
C GLU A 124 -22.97 19.23 20.78
N THR A 125 -22.91 20.22 19.90
CA THR A 125 -23.19 20.03 18.48
C THR A 125 -22.35 18.91 17.89
N LEU A 126 -22.93 18.18 16.95
CA LEU A 126 -22.29 17.00 16.36
C LEU A 126 -21.22 17.35 15.34
N SER A 127 -20.89 18.63 15.24
CA SER A 127 -19.91 19.09 14.27
C SER A 127 -18.55 18.43 14.47
N CYS A 128 -18.37 17.77 15.62
CA CYS A 128 -17.16 17.01 15.90
C CYS A 128 -17.26 15.59 15.36
N VAL A 129 -18.31 14.88 15.76
CA VAL A 129 -18.49 13.49 15.35
C VAL A 129 -18.71 13.40 13.84
N ILE A 130 -19.26 14.45 13.26
CA ILE A 130 -19.41 14.53 11.81
C ILE A 130 -18.05 14.47 11.13
N ILE A 131 -17.13 15.31 11.59
CA ILE A 131 -15.77 15.33 11.04
C ILE A 131 -15.08 13.99 11.26
N PHE A 132 -15.30 13.39 12.43
CA PHE A 132 -14.70 12.10 12.75
C PHE A 132 -15.19 11.00 11.82
N VAL A 133 -16.47 11.03 11.49
CA VAL A 133 -17.05 10.04 10.59
C VAL A 133 -16.49 10.19 9.18
N ILE A 134 -16.56 11.41 8.66
CA ILE A 134 -16.07 11.71 7.31
C ILE A 134 -14.63 11.24 7.10
N VAL A 135 -13.80 11.41 8.13
CA VAL A 135 -12.40 11.02 8.04
C VAL A 135 -12.23 9.52 8.28
N TYR A 136 -12.60 9.05 9.46
CA TYR A 136 -12.37 7.66 9.84
C TYR A 136 -12.96 6.69 8.84
N TYR A 137 -14.10 7.05 8.25
CA TYR A 137 -14.73 6.19 7.25
C TYR A 137 -13.91 6.21 5.96
N ALA A 138 -13.47 7.40 5.57
CA ALA A 138 -12.67 7.56 4.35
C ALA A 138 -11.35 6.82 4.48
N LEU A 139 -10.71 6.95 5.64
CA LEU A 139 -9.44 6.29 5.92
C LEU A 139 -9.59 4.77 5.79
N MET A 140 -10.59 4.22 6.47
CA MET A 140 -10.80 2.78 6.49
C MET A 140 -11.31 2.26 5.16
N ALA A 141 -12.29 2.94 4.58
CA ALA A 141 -12.81 2.57 3.27
C ALA A 141 -11.69 2.58 2.23
N GLY A 142 -10.69 3.42 2.47
CA GLY A 142 -9.54 3.51 1.59
C GLY A 142 -8.66 2.28 1.65
N VAL A 143 -8.24 1.91 2.87
CA VAL A 143 -7.33 0.78 3.04
C VAL A 143 -7.99 -0.55 2.73
N VAL A 144 -9.30 -0.63 2.91
CA VAL A 144 -10.03 -1.84 2.54
C VAL A 144 -10.04 -1.97 1.02
N TRP A 145 -10.23 -0.84 0.34
CA TRP A 145 -10.13 -0.80 -1.12
C TRP A 145 -8.69 -1.01 -1.56
N PHE A 146 -7.74 -0.77 -0.66
CA PHE A 146 -6.33 -1.02 -0.95
C PHE A 146 -6.08 -2.53 -0.96
N VAL A 147 -6.76 -3.25 -0.08
CA VAL A 147 -6.66 -4.71 -0.07
C VAL A 147 -7.21 -5.26 -1.37
N VAL A 148 -8.34 -4.71 -1.82
CA VAL A 148 -8.95 -5.12 -3.08
C VAL A 148 -7.96 -4.90 -4.23
N LEU A 149 -7.19 -3.82 -4.14
CA LEU A 149 -6.22 -3.47 -5.17
C LEU A 149 -5.10 -4.51 -5.25
N THR A 150 -4.57 -4.89 -4.10
CA THR A 150 -3.50 -5.88 -4.05
C THR A 150 -4.01 -7.26 -4.46
N TYR A 151 -5.22 -7.59 -4.04
CA TYR A 151 -5.81 -8.88 -4.36
C TYR A 151 -6.11 -9.02 -5.85
N ALA A 152 -6.48 -7.91 -6.49
CA ALA A 152 -6.77 -7.91 -7.92
C ALA A 152 -5.51 -8.10 -8.73
N TRP A 153 -4.43 -7.44 -8.29
CA TRP A 153 -3.14 -7.57 -8.95
C TRP A 153 -2.57 -8.97 -8.75
N HIS A 154 -2.89 -9.57 -7.60
CA HIS A 154 -2.36 -10.87 -7.23
C HIS A 154 -2.79 -11.97 -8.19
N THR A 155 -4.08 -12.01 -8.51
CA THR A 155 -4.66 -13.13 -9.24
C THR A 155 -4.69 -12.93 -10.76
N SER A 156 -4.10 -11.84 -11.23
CA SER A 156 -4.17 -11.50 -12.66
C SER A 156 -3.29 -12.41 -13.52
N PHE A 157 -2.52 -13.29 -12.88
CA PHE A 157 -1.62 -14.20 -13.59
C PHE A 157 -2.16 -15.62 -13.56
N LYS A 158 -2.73 -16.01 -12.43
CA LYS A 158 -3.30 -17.34 -12.27
C LYS A 158 -4.51 -17.54 -13.17
N GLY A 169 -13.08 -12.81 -13.62
CA GLY A 169 -12.57 -11.73 -12.79
C GLY A 169 -13.49 -10.54 -12.71
N LYS A 170 -14.55 -10.54 -13.50
CA LYS A 170 -15.51 -9.42 -13.53
C LYS A 170 -16.31 -9.33 -12.23
N THR A 171 -16.35 -10.43 -11.49
CA THR A 171 -17.11 -10.54 -10.24
C THR A 171 -16.77 -9.42 -9.25
N SER A 172 -17.78 -8.64 -8.87
CA SER A 172 -17.60 -7.51 -7.95
C SER A 172 -18.52 -7.64 -6.74
N TYR A 173 -18.08 -8.42 -5.76
CA TYR A 173 -18.75 -8.52 -4.47
C TYR A 173 -17.84 -7.97 -3.38
N PHE A 174 -17.13 -6.90 -3.74
CA PHE A 174 -16.28 -6.18 -2.81
C PHE A 174 -17.04 -5.04 -2.17
N HIS A 175 -17.89 -4.40 -2.97
CA HIS A 175 -18.67 -3.25 -2.54
C HIS A 175 -19.35 -3.45 -1.18
N LEU A 176 -19.98 -4.60 -0.97
CA LEU A 176 -20.60 -4.89 0.31
C LEU A 176 -19.55 -4.90 1.42
N LEU A 177 -18.34 -5.35 1.09
CA LEU A 177 -17.27 -5.48 2.06
C LEU A 177 -16.55 -4.15 2.30
N THR A 178 -16.28 -3.42 1.23
CA THR A 178 -15.53 -2.17 1.31
C THR A 178 -16.29 -1.05 1.98
N TRP A 179 -17.62 -1.09 1.88
CA TRP A 179 -18.46 -0.04 2.46
C TRP A 179 -19.00 -0.43 3.83
N SER A 180 -19.16 -1.73 4.08
CA SER A 180 -19.68 -2.19 5.36
C SER A 180 -18.65 -2.06 6.47
N LEU A 181 -17.46 -2.61 6.24
CA LEU A 181 -16.44 -2.69 7.29
C LEU A 181 -16.09 -1.34 7.90
N PRO A 182 -15.94 -0.30 7.06
CA PRO A 182 -15.71 1.02 7.65
C PRO A 182 -16.93 1.53 8.40
N PHE A 183 -18.12 1.21 7.89
CA PHE A 183 -19.35 1.67 8.52
C PHE A 183 -19.51 1.09 9.93
N VAL A 184 -19.35 -0.22 10.05
CA VAL A 184 -19.46 -0.87 11.35
C VAL A 184 -18.44 -0.28 12.32
N LEU A 185 -17.22 -0.11 11.86
CA LEU A 185 -16.16 0.47 12.68
C LEU A 185 -16.52 1.89 13.11
N THR A 186 -17.18 2.62 12.23
CA THR A 186 -17.61 3.98 12.53
C THR A 186 -18.67 3.98 13.62
N VAL A 187 -19.76 3.24 13.38
CA VAL A 187 -20.83 3.11 14.35
C VAL A 187 -20.30 2.61 15.68
N ALA A 188 -19.25 1.80 15.63
CA ALA A 188 -18.66 1.24 16.83
C ALA A 188 -18.06 2.32 17.72
N ILE A 189 -17.18 3.15 17.17
CA ILE A 189 -16.54 4.20 17.94
C ILE A 189 -17.57 5.19 18.48
N LEU A 190 -18.63 5.40 17.70
CA LEU A 190 -19.71 6.28 18.12
C LEU A 190 -20.46 5.69 19.31
N ALA A 191 -20.62 4.36 19.30
CA ALA A 191 -21.33 3.67 20.36
C ALA A 191 -20.60 3.79 21.68
N VAL A 192 -19.29 3.55 21.67
CA VAL A 192 -18.48 3.70 22.86
C VAL A 192 -18.30 5.18 23.20
N ALA A 193 -18.61 6.05 22.25
CA ALA A 193 -18.50 7.50 22.43
C ALA A 193 -17.09 7.91 22.85
N GLN A 194 -16.15 7.82 21.92
CA GLN A 194 -14.76 8.13 22.18
C GLN A 194 -14.17 8.99 21.06
N VAL A 195 -14.98 9.89 20.53
CA VAL A 195 -14.53 10.82 19.51
C VAL A 195 -13.95 12.08 20.18
N ASP A 196 -12.65 12.05 20.44
CA ASP A 196 -11.96 13.19 21.05
C ASP A 196 -11.51 14.16 19.97
N GLY A 197 -11.27 15.42 20.36
CA GLY A 197 -10.92 16.47 19.43
C GLY A 197 -9.54 17.05 19.66
N ASP A 198 -8.94 17.59 18.60
CA ASP A 198 -7.62 18.21 18.68
C ASP A 198 -7.52 19.47 17.82
N SER A 199 -6.82 20.47 18.34
CA SER A 199 -6.75 21.77 17.69
C SER A 199 -5.68 21.87 16.61
N VAL A 200 -4.51 21.28 16.85
CA VAL A 200 -3.38 21.46 15.93
C VAL A 200 -3.64 20.81 14.57
N SER A 201 -4.40 19.72 14.56
CA SER A 201 -4.73 19.04 13.31
C SER A 201 -6.05 19.56 12.75
N GLY A 202 -6.93 20.00 13.64
CA GLY A 202 -8.21 20.55 13.24
C GLY A 202 -9.23 19.50 12.85
N ILE A 203 -9.17 18.35 13.52
CA ILE A 203 -10.11 17.26 13.27
C ILE A 203 -10.39 16.47 14.54
N CYS A 204 -11.58 15.89 14.61
CA CYS A 204 -11.94 14.97 15.68
C CYS A 204 -11.58 13.55 15.27
N PHE A 205 -11.29 12.70 16.25
CA PHE A 205 -10.88 11.34 15.96
C PHE A 205 -11.03 10.46 17.19
N VAL A 206 -10.77 9.16 17.03
CA VAL A 206 -10.98 8.20 18.10
C VAL A 206 -9.89 8.20 19.15
N GLY A 207 -10.31 8.25 20.41
CA GLY A 207 -9.43 8.01 21.55
C GLY A 207 -8.15 8.81 21.60
N TYR A 208 -8.26 10.08 21.97
CA TYR A 208 -7.09 10.86 22.31
C TYR A 208 -6.88 10.75 23.81
N LYS A 209 -7.93 11.04 24.57
CA LYS A 209 -7.89 10.82 26.01
C LYS A 209 -7.66 9.34 26.32
N ASN A 210 -8.44 8.50 25.63
CA ASN A 210 -8.38 7.06 25.81
C ASN A 210 -7.79 6.37 24.59
N TYR A 211 -6.46 6.27 24.56
CA TYR A 211 -5.76 5.78 23.37
C TYR A 211 -5.87 4.27 23.15
N ARG A 212 -6.65 3.59 23.98
CA ARG A 212 -6.82 2.15 23.85
C ARG A 212 -7.77 1.94 22.67
N TYR A 213 -8.66 2.90 22.49
CA TYR A 213 -9.60 2.90 21.36
C TYR A 213 -8.88 3.21 20.07
N ARG A 214 -7.84 4.04 20.14
CA ARG A 214 -7.08 4.41 18.97
C ARG A 214 -6.32 3.20 18.43
N ALA A 215 -5.76 2.41 19.33
CA ALA A 215 -5.05 1.20 18.95
C ALA A 215 -6.02 0.16 18.39
N GLY A 216 -7.19 0.05 19.01
CA GLY A 216 -8.17 -0.95 18.63
C GLY A 216 -8.90 -0.63 17.34
N PHE A 217 -9.12 0.65 17.08
CA PHE A 217 -9.95 1.07 15.94
C PHE A 217 -9.15 1.68 14.78
N VAL A 218 -7.87 1.92 14.98
CA VAL A 218 -7.04 2.56 13.95
C VAL A 218 -5.76 1.78 13.70
N LEU A 219 -4.97 1.62 14.74
CA LEU A 219 -3.69 0.93 14.62
C LEU A 219 -3.90 -0.51 14.18
N ALA A 220 -4.87 -1.19 14.79
CA ALA A 220 -5.07 -2.61 14.55
C ALA A 220 -5.73 -2.89 13.19
N PRO A 221 -6.78 -2.14 12.83
CA PRO A 221 -7.31 -2.36 11.47
C PRO A 221 -6.32 -2.02 10.36
N ILE A 222 -5.46 -1.03 10.57
CA ILE A 222 -4.45 -0.67 9.58
C ILE A 222 -3.36 -1.74 9.56
N GLY A 223 -3.00 -2.25 10.72
CA GLY A 223 -2.05 -3.34 10.81
C GLY A 223 -2.58 -4.58 10.13
N LEU A 224 -3.91 -4.72 10.11
CA LEU A 224 -4.56 -5.88 9.51
C LEU A 224 -4.47 -5.83 7.99
N VAL A 225 -4.86 -4.69 7.40
CA VAL A 225 -4.80 -4.51 5.96
C VAL A 225 -3.37 -4.52 5.44
N LEU A 226 -2.42 -4.24 6.34
CA LEU A 226 -1.01 -4.24 5.97
C LEU A 226 -0.51 -5.67 5.71
N ILE A 227 -0.84 -6.59 6.61
CA ILE A 227 -0.39 -7.97 6.47
C ILE A 227 -1.14 -8.67 5.34
N VAL A 228 -2.40 -8.31 5.15
CA VAL A 228 -3.20 -8.89 4.07
C VAL A 228 -2.80 -8.29 2.72
N GLY A 229 -2.83 -6.96 2.63
CA GLY A 229 -2.47 -6.27 1.42
C GLY A 229 -1.06 -6.60 0.98
N GLY A 230 -0.19 -6.84 1.96
CA GLY A 230 1.19 -7.23 1.67
C GLY A 230 1.26 -8.62 1.05
N TYR A 231 0.54 -9.57 1.64
CA TYR A 231 0.56 -10.95 1.18
C TYR A 231 0.24 -11.06 -0.31
N PHE A 232 -0.67 -10.22 -0.78
CA PHE A 232 -1.05 -10.23 -2.19
C PHE A 232 -0.02 -9.51 -3.05
N LEU A 233 0.77 -8.64 -2.43
CA LEU A 233 1.85 -7.98 -3.13
C LEU A 233 3.09 -8.87 -3.13
N ILE A 234 3.40 -9.46 -1.98
CA ILE A 234 4.49 -10.42 -1.88
C ILE A 234 4.24 -11.57 -2.84
N ARG A 235 3.19 -12.35 -2.58
CA ARG A 235 2.86 -13.49 -3.43
C ARG A 235 2.51 -13.05 -4.85
N GLY A 236 2.36 -11.74 -5.05
CA GLY A 236 2.14 -11.18 -6.36
C GLY A 236 3.41 -11.06 -7.18
N VAL A 237 4.44 -10.42 -6.61
CA VAL A 237 5.71 -10.24 -7.31
C VAL A 237 6.41 -11.58 -7.51
N MET A 238 6.18 -12.54 -6.61
CA MET A 238 6.77 -13.86 -6.74
C MET A 238 6.19 -14.58 -7.95
N THR A 239 4.98 -14.18 -8.34
CA THR A 239 4.34 -14.76 -9.53
C THR A 239 4.92 -14.12 -10.78
N LEU A 240 5.33 -12.87 -10.67
CA LEU A 240 5.99 -12.17 -11.77
C LEU A 240 7.47 -12.55 -11.81
N PHE A 241 8.05 -12.74 -10.64
CA PHE A 241 9.44 -13.14 -10.51
C PHE A 241 9.65 -14.54 -11.09
N SER A 242 8.63 -15.38 -10.96
CA SER A 242 8.70 -16.73 -11.49
C SER A 242 8.63 -16.71 -13.01
N ILE A 243 7.57 -16.10 -13.54
CA ILE A 243 7.38 -15.97 -14.98
C ILE A 243 8.58 -15.30 -15.64
N LYS A 244 9.03 -14.19 -15.07
CA LYS A 244 10.12 -13.40 -15.63
C LYS A 244 11.44 -14.18 -15.64
N SER A 245 11.81 -14.75 -14.50
CA SER A 245 13.09 -15.44 -14.37
C SER A 245 13.12 -16.75 -15.16
N ASN A 246 11.97 -17.42 -15.25
CA ASN A 246 11.91 -18.69 -15.94
C ASN A 246 12.18 -18.56 -17.43
N HIS A 247 11.60 -17.55 -18.07
CA HIS A 247 11.86 -17.31 -19.49
C HIS A 247 13.34 -16.95 -19.69
N ALA A 248 13.88 -16.18 -18.78
CA ALA A 248 15.29 -15.81 -18.83
C ALA A 248 16.17 -17.03 -18.68
N ASP A 249 15.80 -17.93 -17.77
CA ASP A 249 16.57 -19.14 -17.51
C ASP A 249 16.55 -20.07 -18.73
N LEU A 250 15.40 -20.16 -19.38
CA LEU A 250 15.27 -20.97 -20.59
C LEU A 250 15.98 -20.32 -21.76
N GLU A 251 15.79 -19.01 -21.90
CA GLU A 251 16.43 -18.25 -22.97
C GLU A 251 17.95 -18.32 -22.86
N ASP A 252 18.46 -18.15 -21.65
CA ASP A 252 19.90 -18.16 -21.40
C ASP A 252 20.53 -19.47 -21.86
N ASN A 253 19.93 -20.59 -21.45
CA ASN A 253 20.47 -21.90 -21.76
C ASN A 253 20.35 -22.23 -23.24
N TRP A 254 19.17 -22.00 -23.81
CA TRP A 254 18.93 -22.23 -25.23
C TRP A 254 19.98 -21.55 -26.08
N GLU A 255 20.40 -20.36 -25.67
CA GLU A 255 21.38 -19.59 -26.42
C GLU A 255 22.78 -20.17 -26.27
N THR A 256 23.17 -20.45 -25.03
CA THR A 256 24.47 -21.07 -24.79
C THR A 256 24.51 -22.46 -25.44
N LEU A 257 23.36 -23.10 -25.49
CA LEU A 257 23.24 -24.41 -26.12
C LEU A 257 23.51 -24.31 -27.61
N ASN A 258 22.95 -23.29 -28.25
CA ASN A 258 23.15 -23.06 -29.67
C ASN A 258 24.53 -22.53 -30.01
N ASP A 259 25.22 -22.00 -29.01
CA ASP A 259 26.60 -21.56 -29.19
C ASP A 259 27.51 -22.77 -29.25
N ASN A 260 27.39 -23.63 -28.24
CA ASN A 260 28.18 -24.86 -28.19
C ASN A 260 27.87 -25.77 -29.38
N LEU A 261 26.63 -25.74 -29.83
CA LEU A 261 26.24 -26.45 -31.04
C LEU A 261 27.09 -25.95 -32.20
N LYS A 262 27.31 -24.64 -32.22
CA LYS A 262 28.09 -23.99 -33.26
C LYS A 262 29.58 -24.22 -33.03
N VAL A 263 29.95 -24.59 -31.81
CA VAL A 263 31.34 -24.89 -31.47
C VAL A 263 31.70 -26.33 -31.84
N ILE A 264 30.76 -27.25 -31.65
CA ILE A 264 30.98 -28.65 -32.00
C ILE A 264 31.29 -28.79 -33.50
N GLU A 265 30.54 -28.07 -34.33
CA GLU A 265 30.75 -28.12 -35.76
C GLU A 265 32.09 -27.52 -36.16
N LYS A 266 32.35 -26.30 -35.70
CA LYS A 266 33.60 -25.61 -36.02
C LYS A 266 34.81 -26.28 -35.40
N ALA A 267 34.59 -27.17 -34.43
CA ALA A 267 35.67 -27.84 -33.73
C ALA A 267 36.52 -28.68 -34.67
N ASP A 268 37.77 -28.90 -34.26
CA ASP A 268 38.71 -29.70 -35.03
C ASP A 268 39.42 -30.71 -34.14
N ASN A 269 38.77 -31.08 -33.04
CA ASN A 269 39.31 -32.04 -32.09
C ASN A 269 38.24 -32.62 -31.19
N ALA A 270 38.56 -33.73 -30.53
CA ALA A 270 37.61 -34.40 -29.64
C ALA A 270 37.53 -33.71 -28.28
N ALA A 271 38.45 -32.79 -28.03
CA ALA A 271 38.48 -32.09 -26.74
C ALA A 271 37.39 -31.03 -26.66
N GLN A 272 37.22 -30.26 -27.73
CA GLN A 272 36.22 -29.19 -27.76
C GLN A 272 34.80 -29.74 -27.83
N VAL A 273 34.63 -30.83 -28.58
CA VAL A 273 33.32 -31.43 -28.76
C VAL A 273 32.79 -31.98 -27.44
N LYS A 274 33.67 -32.62 -26.68
CA LYS A 274 33.29 -33.16 -25.38
C LYS A 274 32.96 -32.02 -24.41
N ASP A 275 33.80 -31.00 -24.40
CA ASP A 275 33.58 -29.83 -23.54
C ASP A 275 32.27 -29.14 -23.88
N ALA A 276 32.03 -28.97 -25.18
CA ALA A 276 30.80 -28.33 -25.65
C ALA A 276 29.59 -29.18 -25.29
N LEU A 277 29.69 -30.49 -25.50
CA LEU A 277 28.61 -31.41 -25.18
C LEU A 277 28.28 -31.39 -23.69
N THR A 278 29.29 -31.10 -22.87
CA THR A 278 29.08 -31.00 -21.43
C THR A 278 28.47 -29.64 -21.08
N LYS A 279 28.97 -28.58 -21.70
CA LYS A 279 28.38 -27.25 -21.53
C LYS A 279 26.92 -27.30 -21.94
N MET A 280 26.61 -28.08 -22.97
CA MET A 280 25.24 -28.24 -23.44
C MET A 280 24.41 -29.02 -22.44
N ARG A 281 24.98 -30.09 -21.90
CA ARG A 281 24.28 -30.93 -20.94
C ARG A 281 24.10 -30.18 -19.62
N ALA A 282 25.10 -29.37 -19.26
CA ALA A 282 25.03 -28.58 -18.04
C ALA A 282 23.91 -27.55 -18.12
N ALA A 283 23.69 -27.04 -19.32
CA ALA A 283 22.63 -26.07 -19.57
C ALA A 283 21.30 -26.78 -19.82
N ALA A 284 21.36 -27.93 -20.49
CA ALA A 284 20.17 -28.72 -20.79
C ALA A 284 19.43 -29.08 -19.50
N LEU A 285 20.19 -29.48 -18.49
CA LEU A 285 19.60 -29.88 -17.22
C LEU A 285 19.12 -28.68 -16.41
N ASP A 286 19.94 -27.63 -16.37
CA ASP A 286 19.58 -26.44 -15.60
C ASP A 286 18.34 -25.76 -16.19
N ALA A 287 18.08 -26.03 -17.46
CA ALA A 287 16.88 -25.53 -18.13
C ALA A 287 15.69 -26.41 -17.80
N GLN A 288 15.95 -27.68 -17.53
CA GLN A 288 14.90 -28.62 -17.17
C GLN A 288 14.32 -28.29 -15.80
N LYS A 289 15.16 -27.75 -14.93
CA LYS A 289 14.76 -27.36 -13.58
C LYS A 289 14.16 -25.96 -13.59
N ALA A 290 13.06 -25.79 -14.30
CA ALA A 290 12.38 -24.49 -14.39
C ALA A 290 10.98 -24.65 -14.97
N THR A 291 10.02 -23.99 -14.36
CA THR A 291 8.63 -24.01 -14.83
C THR A 291 8.42 -22.92 -15.88
N PRO A 292 8.16 -23.31 -17.14
CA PRO A 292 8.09 -22.28 -18.19
C PRO A 292 6.96 -21.27 -17.94
N PRO A 293 7.07 -20.07 -18.53
CA PRO A 293 6.04 -19.05 -18.32
C PRO A 293 4.68 -19.48 -18.87
N LYS A 294 4.69 -20.48 -19.74
CA LYS A 294 3.45 -20.99 -20.32
C LYS A 294 2.76 -21.98 -19.37
N LEU A 295 3.50 -22.46 -18.38
CA LEU A 295 2.98 -23.45 -17.43
C LEU A 295 3.13 -22.96 -15.99
N GLU A 296 2.99 -21.66 -15.79
CA GLU A 296 3.11 -21.09 -14.45
C GLU A 296 1.89 -21.46 -13.59
N ASP A 297 0.75 -21.64 -14.24
CA ASP A 297 -0.51 -21.92 -13.55
C ASP A 297 -0.73 -23.41 -13.29
N LYS A 298 0.08 -24.25 -13.94
CA LYS A 298 -0.09 -25.70 -13.81
C LYS A 298 0.61 -26.24 -12.57
N SER A 299 0.35 -27.50 -12.26
CA SER A 299 0.90 -28.16 -11.08
C SER A 299 2.25 -28.82 -11.39
N PRO A 300 3.15 -28.89 -10.39
CA PRO A 300 4.44 -29.58 -10.58
C PRO A 300 4.27 -31.06 -10.95
N ASP A 301 3.08 -31.61 -10.74
CA ASP A 301 2.79 -32.99 -11.09
C ASP A 301 1.72 -33.09 -12.17
N SER A 302 1.60 -32.03 -12.97
CA SER A 302 0.60 -31.98 -14.03
C SER A 302 1.09 -32.70 -15.29
N PRO A 303 0.19 -32.95 -16.25
CA PRO A 303 0.58 -33.60 -17.50
C PRO A 303 1.54 -32.76 -18.34
N GLU A 304 1.23 -31.48 -18.50
CA GLU A 304 2.02 -30.58 -19.34
C GLU A 304 3.43 -30.43 -18.78
N MET A 305 3.51 -30.26 -17.46
CA MET A 305 4.79 -30.16 -16.78
C MET A 305 5.58 -31.45 -16.94
N LYS A 306 4.86 -32.56 -17.10
CA LYS A 306 5.50 -33.87 -17.28
C LYS A 306 6.18 -33.96 -18.64
N ASP A 307 5.49 -33.50 -19.69
CA ASP A 307 6.05 -33.50 -21.04
C ASP A 307 7.25 -32.58 -21.14
N PHE A 308 7.25 -31.52 -20.34
CA PHE A 308 8.39 -30.61 -20.29
C PHE A 308 9.64 -31.35 -19.83
N ARG A 309 9.60 -31.81 -18.58
CA ARG A 309 10.76 -32.46 -17.98
C ARG A 309 11.14 -33.75 -18.69
N HIS A 310 10.15 -34.43 -19.27
CA HIS A 310 10.44 -35.65 -20.01
C HIS A 310 11.13 -35.33 -21.33
N GLY A 311 10.80 -34.18 -21.90
CA GLY A 311 11.39 -33.75 -23.15
C GLY A 311 12.89 -33.59 -23.05
N PHE A 312 13.38 -33.35 -21.84
CA PHE A 312 14.81 -33.18 -21.59
C PHE A 312 15.49 -34.50 -21.30
N ASP A 313 14.74 -35.44 -20.74
CA ASP A 313 15.27 -36.78 -20.48
C ASP A 313 15.66 -37.46 -21.80
N ILE A 314 14.96 -37.11 -22.88
CA ILE A 314 15.32 -37.58 -24.20
C ILE A 314 16.50 -36.75 -24.71
N LEU A 315 16.42 -35.43 -24.50
CA LEU A 315 17.45 -34.51 -24.96
C LEU A 315 18.83 -34.87 -24.41
N VAL A 316 18.93 -34.93 -23.08
CA VAL A 316 20.18 -35.29 -22.43
C VAL A 316 20.63 -36.68 -22.89
N GLY A 317 19.66 -37.53 -23.21
CA GLY A 317 19.93 -38.83 -23.77
C GLY A 317 20.65 -38.70 -25.10
N GLN A 318 20.20 -37.77 -25.94
CA GLN A 318 20.84 -37.51 -27.22
C GLN A 318 22.25 -36.94 -27.00
N ILE A 319 22.39 -36.10 -25.97
CA ILE A 319 23.70 -35.53 -25.65
C ILE A 319 24.65 -36.62 -25.17
N ASP A 320 24.16 -37.49 -24.29
CA ASP A 320 24.97 -38.57 -23.75
C ASP A 320 25.35 -39.56 -24.84
N ASP A 321 24.52 -39.65 -25.89
CA ASP A 321 24.85 -40.48 -27.05
C ASP A 321 26.02 -39.85 -27.78
N ALA A 322 25.96 -38.53 -27.97
CA ALA A 322 27.04 -37.80 -28.62
C ALA A 322 28.32 -37.88 -27.79
N LEU A 323 28.18 -37.69 -26.48
CA LEU A 323 29.31 -37.80 -25.56
C LEU A 323 29.91 -39.19 -25.63
N LYS A 324 29.07 -40.19 -25.85
CA LYS A 324 29.53 -41.57 -25.97
C LYS A 324 30.37 -41.78 -27.23
N LEU A 325 30.31 -40.81 -28.14
CA LEU A 325 31.08 -40.86 -29.39
C LEU A 325 32.23 -39.88 -29.36
N ALA A 326 32.11 -38.83 -28.55
CA ALA A 326 33.15 -37.81 -28.46
C ALA A 326 34.34 -38.32 -27.67
N ASN A 327 34.06 -39.08 -26.60
CA ASN A 327 35.11 -39.61 -25.75
C ASN A 327 35.94 -40.67 -26.44
N GLU A 328 35.28 -41.57 -27.17
CA GLU A 328 35.98 -42.65 -27.84
C GLU A 328 36.89 -42.09 -28.95
N GLY A 329 36.57 -40.89 -29.41
CA GLY A 329 37.35 -40.23 -30.44
C GLY A 329 36.68 -40.24 -31.80
N LYS A 330 35.41 -40.64 -31.84
CA LYS A 330 34.64 -40.65 -33.07
C LYS A 330 34.10 -39.26 -33.37
N VAL A 331 34.98 -38.33 -33.70
CA VAL A 331 34.60 -36.94 -33.95
C VAL A 331 33.73 -36.82 -35.19
N LYS A 332 34.04 -37.59 -36.22
CA LYS A 332 33.25 -37.61 -37.45
C LYS A 332 31.85 -38.14 -37.17
N GLU A 333 31.71 -38.86 -36.06
CA GLU A 333 30.45 -39.50 -35.70
C GLU A 333 29.81 -38.82 -34.48
N ALA A 334 30.64 -38.14 -33.69
CA ALA A 334 30.14 -37.40 -32.53
C ALA A 334 29.50 -36.08 -32.99
N GLN A 335 30.14 -35.43 -33.95
CA GLN A 335 29.60 -34.22 -34.54
C GLN A 335 28.31 -34.52 -35.29
N ALA A 336 28.17 -35.74 -35.77
CA ALA A 336 26.99 -36.17 -36.51
C ALA A 336 25.77 -36.22 -35.60
N ALA A 337 25.98 -36.62 -34.35
CA ALA A 337 24.90 -36.66 -33.38
C ALA A 337 24.46 -35.25 -33.01
N ALA A 338 25.42 -34.32 -32.99
CA ALA A 338 25.14 -32.93 -32.66
C ALA A 338 24.16 -32.31 -33.64
N GLU A 339 24.19 -32.80 -34.89
CA GLU A 339 23.23 -32.35 -35.90
C GLU A 339 21.84 -32.83 -35.52
N GLN A 340 21.75 -34.07 -35.05
CA GLN A 340 20.47 -34.66 -34.67
C GLN A 340 19.90 -34.01 -33.42
N LEU A 341 20.73 -33.24 -32.71
CA LEU A 341 20.27 -32.51 -31.53
C LEU A 341 19.49 -31.26 -31.91
N LYS A 342 19.66 -30.82 -33.16
CA LYS A 342 18.91 -29.66 -33.64
C LYS A 342 17.41 -29.97 -33.66
N THR A 343 17.05 -31.15 -34.14
CA THR A 343 15.65 -31.55 -34.22
C THR A 343 15.07 -31.83 -32.83
N THR A 344 15.91 -32.35 -31.94
CA THR A 344 15.48 -32.59 -30.56
C THR A 344 15.27 -31.27 -29.84
N ARG A 345 16.17 -30.34 -30.09
CA ARG A 345 16.07 -28.99 -29.55
C ARG A 345 14.76 -28.35 -29.97
N ASN A 346 14.54 -28.28 -31.28
CA ASN A 346 13.35 -27.65 -31.85
C ASN A 346 12.06 -28.27 -31.34
N ALA A 347 12.13 -29.51 -30.89
CA ALA A 347 10.96 -30.23 -30.42
C ALA A 347 10.61 -29.88 -28.98
N TYR A 348 11.57 -30.08 -28.07
CA TYR A 348 11.31 -30.01 -26.64
C TYR A 348 11.78 -28.72 -25.96
N ILE A 349 12.26 -27.76 -26.75
CA ILE A 349 12.75 -26.50 -26.20
C ILE A 349 12.07 -25.29 -26.82
N GLN A 350 12.11 -25.19 -28.15
CA GLN A 350 11.55 -24.05 -28.85
C GLN A 350 10.09 -23.81 -28.51
N LYS A 351 9.38 -24.88 -28.15
CA LYS A 351 7.96 -24.79 -27.83
C LYS A 351 7.74 -23.95 -26.58
N TYR A 352 8.27 -24.42 -25.44
CA TYR A 352 8.05 -23.76 -24.16
C TYR A 352 8.79 -22.43 -24.05
N LEU A 353 9.86 -22.30 -24.83
CA LEU A 353 10.69 -21.09 -24.80
C LEU A 353 9.92 -19.87 -25.28
N ALA A 354 10.35 -18.69 -24.84
CA ALA A 354 9.72 -17.43 -25.23
C ALA A 354 8.24 -17.39 -24.84
N ALA A 355 7.48 -16.51 -25.49
CA ALA A 355 6.05 -16.38 -25.25
C ALA A 355 5.71 -15.93 -23.83
N SER A 356 5.65 -14.61 -23.64
CA SER A 356 5.27 -14.04 -22.35
C SER A 356 5.07 -12.52 -22.48
N LYS A 357 3.85 -12.07 -22.21
CA LYS A 357 3.53 -10.65 -22.22
C LYS A 357 2.64 -10.30 -21.02
N ILE A 358 3.00 -9.22 -20.33
CA ILE A 358 2.37 -8.86 -19.05
C ILE A 358 1.37 -7.73 -19.16
N ASN A 359 1.58 -6.85 -20.14
CA ASN A 359 0.79 -5.64 -20.33
C ASN A 359 1.12 -4.58 -19.29
N GLU A 360 1.21 -3.34 -19.74
CA GLU A 360 1.55 -2.24 -18.84
C GLU A 360 0.42 -1.99 -17.85
N THR A 361 -0.76 -2.53 -18.15
CA THR A 361 -1.92 -2.39 -17.28
C THR A 361 -1.64 -2.98 -15.90
N MET A 362 -0.92 -4.09 -15.88
CA MET A 362 -0.57 -4.76 -14.62
C MET A 362 0.76 -4.26 -14.07
N LEU A 363 1.60 -3.75 -14.95
CA LEU A 363 2.89 -3.19 -14.54
C LEU A 363 2.66 -1.98 -13.65
N ARG A 364 1.87 -1.02 -14.14
CA ARG A 364 1.58 0.17 -13.37
C ARG A 364 0.75 -0.14 -12.13
N LEU A 365 -0.05 -1.20 -12.19
CA LEU A 365 -0.81 -1.62 -11.02
C LEU A 365 0.13 -2.15 -9.95
N GLY A 366 1.23 -2.76 -10.39
CA GLY A 366 2.27 -3.21 -9.49
C GLY A 366 2.98 -2.03 -8.85
N ILE A 367 3.31 -1.03 -9.66
CA ILE A 367 3.92 0.19 -9.17
C ILE A 367 3.00 0.83 -8.13
N PHE A 368 1.78 1.12 -8.56
CA PHE A 368 0.79 1.77 -7.69
C PHE A 368 0.39 0.87 -6.53
N GLY A 369 0.45 -0.44 -6.74
CA GLY A 369 0.15 -1.38 -5.68
C GLY A 369 1.17 -1.32 -4.57
N PHE A 370 2.44 -1.23 -4.94
CA PHE A 370 3.52 -1.19 -3.98
C PHE A 370 3.71 0.19 -3.40
N LEU A 371 3.55 1.21 -4.23
CA LEU A 371 3.72 2.59 -3.78
C LEU A 371 2.68 2.91 -2.72
N ALA A 372 1.47 2.41 -2.91
CA ALA A 372 0.39 2.61 -1.95
C ALA A 372 0.68 1.89 -0.64
N PHE A 373 1.24 0.69 -0.74
CA PHE A 373 1.58 -0.11 0.43
C PHE A 373 2.56 0.61 1.34
N GLY A 374 3.58 1.21 0.75
CA GLY A 374 4.62 1.88 1.50
C GLY A 374 4.09 2.99 2.39
N PHE A 375 3.39 3.94 1.77
CA PHE A 375 2.88 5.09 2.49
C PHE A 375 1.82 4.70 3.52
N VAL A 376 1.20 3.54 3.34
CA VAL A 376 0.25 3.02 4.34
C VAL A 376 1.02 2.45 5.52
N LEU A 377 2.16 1.83 5.25
CA LEU A 377 2.99 1.27 6.29
C LEU A 377 3.55 2.38 7.18
N ILE A 378 3.79 3.54 6.57
CA ILE A 378 4.25 4.71 7.32
C ILE A 378 3.18 5.19 8.28
N THR A 379 1.95 5.27 7.78
CA THR A 379 0.81 5.70 8.60
C THR A 379 0.66 4.80 9.82
N PHE A 380 0.86 3.50 9.61
CA PHE A 380 0.81 2.54 10.70
C PHE A 380 1.91 2.83 11.72
N SER A 381 3.10 3.16 11.22
CA SER A 381 4.24 3.42 12.07
C SER A 381 4.00 4.65 12.95
N CYS A 382 3.44 5.69 12.37
CA CYS A 382 3.16 6.93 13.08
C CYS A 382 2.18 6.67 14.22
N HIS A 383 1.07 6.04 13.88
CA HIS A 383 0.01 5.78 14.86
C HIS A 383 0.43 4.76 15.90
N PHE A 384 1.55 4.09 15.66
CA PHE A 384 2.14 3.21 16.67
C PHE A 384 2.85 4.06 17.71
N TYR A 385 3.83 4.85 17.26
CA TYR A 385 4.60 5.72 18.12
C TYR A 385 3.69 6.65 18.91
N ASP A 386 2.76 7.29 18.22
CA ASP A 386 1.76 8.15 18.85
C ASP A 386 1.02 7.40 19.95
N PHE A 387 0.82 6.11 19.74
CA PHE A 387 0.18 5.25 20.73
C PHE A 387 1.18 4.74 21.75
N PHE A 388 2.44 4.63 21.33
CA PHE A 388 3.49 4.08 22.18
C PHE A 388 3.87 5.02 23.31
N ASN A 389 4.10 6.29 22.98
CA ASN A 389 4.64 7.26 23.92
C ASN A 389 3.61 8.13 24.62
N GLN A 390 2.34 7.96 24.28
CA GLN A 390 1.29 8.82 24.83
C GLN A 390 1.17 8.68 26.35
N ALA A 391 1.36 7.47 26.85
CA ALA A 391 1.27 7.22 28.29
C ALA A 391 2.18 8.17 29.07
N GLU A 392 3.28 8.58 28.44
CA GLU A 392 4.18 9.58 29.02
C GLU A 392 3.62 10.97 28.82
N TRP A 393 3.04 11.21 27.65
CA TRP A 393 2.47 12.51 27.34
C TRP A 393 1.29 12.80 28.28
N GLU A 394 0.74 11.75 28.88
CA GLU A 394 -0.29 11.90 29.90
C GLU A 394 0.33 12.29 31.23
N ARG A 395 1.43 11.62 31.59
CA ARG A 395 2.14 11.92 32.84
C ARG A 395 2.61 13.36 32.87
N SER A 396 3.40 13.73 31.86
CA SER A 396 3.98 15.07 31.78
C SER A 396 2.90 16.15 31.65
N PHE A 397 1.68 15.73 31.38
CA PHE A 397 0.53 16.64 31.33
C PHE A 397 -0.09 16.78 32.71
N ARG A 398 -0.59 15.68 33.25
CA ARG A 398 -1.23 15.67 34.57
C ARG A 398 -0.33 16.31 35.62
N ASP A 399 0.98 16.15 35.45
CA ASP A 399 1.95 16.80 36.32
C ASP A 399 2.05 18.28 36.00
N TYR A 400 1.97 18.62 34.72
CA TYR A 400 2.05 20.01 34.29
C TYR A 400 0.80 20.78 34.68
N VAL A 401 -0.35 20.11 34.68
CA VAL A 401 -1.59 20.71 35.13
C VAL A 401 -1.47 21.08 36.60
N LEU A 402 -1.09 20.09 37.41
CA LEU A 402 -0.94 20.28 38.84
C LEU A 402 0.19 21.26 39.15
N CYS A 403 1.18 21.32 38.26
CA CYS A 403 2.27 22.29 38.40
C CYS A 403 1.75 23.71 38.15
N GLN A 404 1.35 23.97 36.91
CA GLN A 404 0.97 25.31 36.48
C GLN A 404 -0.19 25.88 37.29
N ALA A 405 -0.92 25.00 37.99
CA ALA A 405 -1.98 25.44 38.90
C ALA A 405 -1.38 25.80 40.26
N ASN A 406 -0.21 25.24 40.55
CA ASN A 406 0.49 25.49 41.80
C ASN A 406 1.20 26.83 41.82
N VAL A 407 1.12 27.57 40.71
CA VAL A 407 1.70 28.89 40.62
C VAL A 407 1.13 29.78 41.71
N THR A 408 2.01 30.38 42.50
CA THR A 408 1.61 31.13 43.68
C THR A 408 2.50 32.35 43.87
N ILE A 409 1.88 33.53 43.92
CA ILE A 409 2.61 34.78 44.11
C ILE A 409 1.66 35.92 44.43
N PRO A 418 8.59 29.45 34.57
CA PRO A 418 9.91 28.84 34.40
C PRO A 418 9.98 27.43 34.99
N ASP A 419 9.50 27.29 36.22
CA ASP A 419 9.49 25.99 36.89
C ASP A 419 8.56 25.03 36.15
N CYS A 420 7.34 25.49 35.88
CA CYS A 420 6.37 24.68 35.14
C CYS A 420 6.71 24.67 33.66
N GLU A 421 6.94 23.47 33.14
CA GLU A 421 7.37 23.29 31.78
C GLU A 421 7.09 21.84 31.38
N ILE A 422 6.50 21.64 30.20
CA ILE A 422 6.07 20.32 29.79
C ILE A 422 7.29 19.45 29.48
N LYS A 423 7.40 18.32 30.17
CA LYS A 423 8.55 17.43 30.01
C LYS A 423 8.69 16.94 28.58
N ASN A 424 7.75 16.12 28.14
CA ASN A 424 7.78 15.57 26.79
C ASN A 424 6.40 15.64 26.12
N ARG A 425 6.39 15.68 24.80
CA ARG A 425 5.18 15.93 24.04
C ARG A 425 5.18 15.17 22.70
N PRO A 426 4.03 15.14 22.01
CA PRO A 426 3.98 14.53 20.68
C PRO A 426 4.93 15.19 19.69
N SER A 427 5.73 14.39 19.00
CA SER A 427 6.70 14.91 18.06
C SER A 427 6.01 15.44 16.81
N LEU A 428 6.12 16.75 16.58
CA LEU A 428 5.55 17.39 15.41
C LEU A 428 6.15 16.81 14.14
N LEU A 429 7.34 16.25 14.26
CA LEU A 429 7.99 15.57 13.15
C LEU A 429 7.16 14.38 12.70
N VAL A 430 6.79 13.55 13.65
CA VAL A 430 6.05 12.32 13.37
C VAL A 430 4.74 12.60 12.63
N GLU A 431 4.12 13.73 12.94
CA GLU A 431 2.86 14.11 12.31
C GLU A 431 3.10 14.64 10.90
N LYS A 432 4.11 15.50 10.75
CA LYS A 432 4.48 16.02 9.44
C LYS A 432 4.89 14.88 8.51
N ILE A 433 5.43 13.81 9.10
CA ILE A 433 5.76 12.61 8.35
C ILE A 433 4.48 11.88 7.94
N ASN A 434 3.58 11.74 8.90
CA ASN A 434 2.32 11.05 8.66
C ASN A 434 1.48 11.74 7.59
N LEU A 435 1.25 13.03 7.79
CA LEU A 435 0.44 13.83 6.87
C LEU A 435 1.10 13.98 5.50
N PHE A 436 2.40 13.68 5.43
CA PHE A 436 3.08 13.63 4.14
C PHE A 436 2.72 12.34 3.43
N ALA A 437 2.76 11.23 4.15
CA ALA A 437 2.50 9.92 3.58
C ALA A 437 1.01 9.67 3.43
N MET A 438 0.23 10.15 4.39
CA MET A 438 -1.22 9.97 4.34
C MET A 438 -1.79 10.68 3.12
N PHE A 439 -1.28 11.87 2.84
CA PHE A 439 -1.69 12.63 1.66
C PHE A 439 -0.87 12.21 0.45
N GLY A 440 0.41 11.98 0.65
CA GLY A 440 1.31 11.58 -0.42
C GLY A 440 0.81 10.37 -1.18
N THR A 441 0.06 9.52 -0.51
CA THR A 441 -0.57 8.38 -1.16
C THR A 441 -1.62 8.90 -2.14
N GLY A 442 -2.58 9.66 -1.62
CA GLY A 442 -3.65 10.22 -2.42
C GLY A 442 -3.13 10.99 -3.62
N ILE A 443 -1.99 11.63 -3.45
CA ILE A 443 -1.34 12.35 -4.55
C ILE A 443 -0.76 11.37 -5.56
N ALA A 444 -0.23 10.26 -5.07
CA ALA A 444 0.35 9.23 -5.94
C ALA A 444 -0.75 8.45 -6.65
N MET A 445 -1.80 8.10 -5.90
CA MET A 445 -2.92 7.35 -6.47
C MET A 445 -3.60 8.13 -7.57
N SER A 446 -3.47 9.46 -7.52
CA SER A 446 -4.11 10.33 -8.50
C SER A 446 -3.41 10.29 -9.85
N THR A 447 -2.15 9.84 -9.85
CA THR A 447 -1.35 9.83 -11.06
C THR A 447 -1.49 8.52 -11.83
N TRP A 448 -2.47 7.71 -11.45
CA TRP A 448 -2.79 6.50 -12.19
C TRP A 448 -3.31 6.86 -13.58
N VAL A 449 -3.85 8.07 -13.69
CA VAL A 449 -4.46 8.56 -14.91
C VAL A 449 -3.59 9.63 -15.55
N TRP A 450 -2.30 9.60 -15.23
CA TRP A 450 -1.33 10.54 -15.79
C TRP A 450 -0.54 9.94 -16.95
N THR A 451 -1.12 8.92 -17.59
CA THR A 451 -0.47 8.26 -18.71
C THR A 451 -0.62 9.09 -19.99
N LYS A 452 0.05 8.66 -21.05
CA LYS A 452 0.01 9.38 -22.32
C LYS A 452 -1.25 9.07 -23.13
N ALA A 453 -2.18 8.35 -22.52
CA ALA A 453 -3.41 7.91 -23.19
C ALA A 453 -4.65 8.63 -22.68
N THR A 454 -4.48 9.39 -21.60
CA THR A 454 -5.61 10.01 -20.91
C THR A 454 -5.95 11.40 -21.46
N LEU A 455 -4.93 12.07 -22.02
CA LEU A 455 -5.12 13.39 -22.60
C LEU A 455 -6.13 13.34 -23.74
N LEU A 456 -6.07 12.27 -24.53
CA LEU A 456 -7.01 12.06 -25.63
C LEU A 456 -8.43 11.92 -25.10
N ILE A 457 -8.57 11.26 -23.94
CA ILE A 457 -9.87 11.07 -23.32
C ILE A 457 -10.50 12.42 -23.03
N TRP A 458 -9.70 13.34 -22.51
CA TRP A 458 -10.18 14.67 -22.14
C TRP A 458 -10.43 15.55 -23.35
N ARG A 459 -9.61 15.39 -24.39
CA ARG A 459 -9.79 16.14 -25.63
C ARG A 459 -11.00 15.59 -26.39
N ARG A 460 -11.22 14.29 -26.29
CA ARG A 460 -12.34 13.64 -26.97
C ARG A 460 -13.67 14.04 -26.36
N THR A 461 -13.73 14.10 -25.03
CA THR A 461 -14.94 14.51 -24.33
C THR A 461 -15.09 16.03 -24.34
N TRP A 462 -14.00 16.73 -24.66
CA TRP A 462 -13.98 18.19 -24.66
C TRP A 462 -15.06 18.77 -25.56
N CYS A 463 -15.50 18.00 -26.54
CA CYS A 463 -16.57 18.42 -27.44
C CYS A 463 -17.89 18.52 -26.68
N ARG A 464 -18.35 19.74 -26.46
CA ARG A 464 -19.59 19.98 -25.74
C ARG A 464 -20.21 21.31 -26.15
#